data_5OWK
#
_entry.id   5OWK
#
_cell.length_a   44.337
_cell.length_b   45.073
_cell.length_c   61.146
_cell.angle_alpha   90.00
_cell.angle_beta   90.00
_cell.angle_gamma   90.00
#
_symmetry.space_group_name_H-M   'P 21 21 21'
#
loop_
_entity.id
_entity.type
_entity.pdbx_description
1 polymer 'CREB-binding protein'
2 non-polymer 'ethyl 4-chloranyl-1-methyl-6-oxidanylidene-pyridine-3-carboxylate'
3 water water
#
_entity_poly.entity_id   1
_entity_poly.type   'polypeptide(L)'
_entity_poly.pdbx_seq_one_letter_code
;SMRKKIFKPEELRQALMPTLEALYRQDPESLPFRQPVDPQLLGIPDYFDIVKNPMDLSTIKRKLDTGQYQEPWQYVDDVW
LMFNNAWLYNRKTSRVYKFCSKLAEVFEQEIDPVMQSLG
;
_entity_poly.pdbx_strand_id   A
#
loop_
_chem_comp.id
_chem_comp.type
_chem_comp.name
_chem_comp.formula
7MX non-polymer 'ethyl 4-chloranyl-1-methyl-6-oxidanylidene-pyridine-3-carboxylate' 'C9 H10 Cl N O3'
#
# COMPACT_ATOMS: atom_id res chain seq x y z
N LYS A 5 -20.96 5.14 13.92
CA LYS A 5 -19.95 6.20 13.86
C LYS A 5 -19.03 6.05 12.65
N ILE A 6 -18.17 7.05 12.45
CA ILE A 6 -17.26 7.12 11.32
C ILE A 6 -15.94 7.70 11.80
N PHE A 7 -14.94 7.66 10.93
CA PHE A 7 -13.77 8.52 11.04
C PHE A 7 -13.97 9.69 10.08
N LYS A 8 -14.07 10.91 10.62
CA LYS A 8 -14.18 12.12 9.82
C LYS A 8 -12.90 12.34 9.04
N PRO A 9 -12.94 13.17 7.96
CA PRO A 9 -11.71 13.38 7.16
C PRO A 9 -10.52 13.85 7.98
N GLU A 10 -10.77 14.74 8.93
CA GLU A 10 -9.71 15.26 9.77
C GLU A 10 -9.19 14.23 10.77
N GLU A 11 -9.89 13.11 10.95
CA GLU A 11 -9.46 12.06 11.85
C GLU A 11 -8.67 10.98 11.13
N LEU A 12 -8.60 11.03 9.80
CA LEU A 12 -8.07 9.90 9.04
C LEU A 12 -6.59 9.67 9.34
N ARG A 13 -5.77 10.72 9.36
CA ARG A 13 -4.35 10.51 9.58
C ARG A 13 -4.11 9.87 10.93
N GLN A 14 -4.73 10.40 11.98
CA GLN A 14 -4.46 9.85 13.30
C GLN A 14 -4.93 8.41 13.39
N ALA A 15 -6.08 8.08 12.78
CA ALA A 15 -6.63 6.74 12.86
C ALA A 15 -5.85 5.76 11.98
N LEU A 16 -5.42 6.21 10.81
CA LEU A 16 -4.92 5.27 9.81
C LEU A 16 -3.41 5.25 9.70
N MET A 17 -2.73 6.33 10.07
CA MET A 17 -1.28 6.33 9.98
C MET A 17 -0.63 5.16 10.71
N PRO A 18 -1.11 4.70 11.87
CA PRO A 18 -0.46 3.54 12.48
C PRO A 18 -0.49 2.30 11.61
N THR A 19 -1.53 2.14 10.78
CA THR A 19 -1.56 0.98 9.89
C THR A 19 -0.51 1.12 8.80
N LEU A 20 -0.27 2.34 8.32
CA LEU A 20 0.76 2.55 7.31
C LEU A 20 2.16 2.40 7.92
N GLU A 21 2.36 2.91 9.13
CA GLU A 21 3.63 2.74 9.81
C GLU A 21 3.95 1.26 9.99
N ALA A 22 2.93 0.45 10.26
CA ALA A 22 3.16 -0.98 10.43
C ALA A 22 3.69 -1.60 9.15
N LEU A 23 3.27 -1.11 8.00
CA LEU A 23 3.82 -1.63 6.74
C LEU A 23 5.28 -1.22 6.58
N TYR A 24 5.57 0.06 6.79
CA TYR A 24 6.95 0.52 6.67
C TYR A 24 7.88 -0.20 7.65
N ARG A 25 7.38 -0.59 8.82
CA ARG A 25 8.23 -1.23 9.81
C ARG A 25 8.70 -2.60 9.34
N GLN A 26 8.02 -3.22 8.38
CA GLN A 26 8.48 -4.51 7.88
C GLN A 26 9.70 -4.30 7.00
N ASP A 27 10.83 -4.83 7.44
CA ASP A 27 12.09 -4.65 6.74
C ASP A 27 12.74 -6.01 6.73
N PRO A 28 13.01 -6.60 5.56
CA PRO A 28 13.05 -5.98 4.24
C PRO A 28 11.75 -5.94 3.46
N GLU A 29 10.64 -6.45 4.01
CA GLU A 29 9.47 -6.69 3.17
C GLU A 29 8.91 -5.42 2.55
N SER A 30 8.98 -4.28 3.25
CA SER A 30 8.42 -3.06 2.66
C SER A 30 9.35 -2.39 1.66
N LEU A 31 10.63 -2.77 1.62
CA LEU A 31 11.56 -1.99 0.81
C LEU A 31 11.18 -1.90 -0.66
N PRO A 32 10.70 -2.94 -1.32
CA PRO A 32 10.29 -2.80 -2.72
C PRO A 32 9.09 -1.92 -2.92
N PHE A 33 8.42 -1.50 -1.85
CA PHE A 33 7.15 -0.79 -1.92
C PHE A 33 7.27 0.65 -1.45
N ARG A 34 8.46 1.07 -1.02
CA ARG A 34 8.59 2.39 -0.40
C ARG A 34 8.56 3.52 -1.41
N GLN A 35 8.98 3.30 -2.64
CA GLN A 35 9.04 4.33 -3.66
C GLN A 35 8.32 3.82 -4.90
N PRO A 36 7.87 4.72 -5.77
CA PRO A 36 7.24 4.24 -7.01
C PRO A 36 8.20 3.34 -7.79
N VAL A 37 7.66 2.26 -8.35
CA VAL A 37 8.46 1.40 -9.22
C VAL A 37 9.03 2.24 -10.35
N ASP A 38 10.34 2.15 -10.55
CA ASP A 38 11.04 2.81 -11.65
C ASP A 38 11.44 1.73 -12.64
N PRO A 39 10.69 1.52 -13.71
CA PRO A 39 10.91 0.32 -14.54
C PRO A 39 12.28 0.26 -15.17
N GLN A 40 12.76 1.39 -15.68
CA GLN A 40 14.07 1.38 -16.32
C GLN A 40 15.17 1.13 -15.30
N LEU A 41 15.11 1.80 -14.15
CA LEU A 41 16.13 1.63 -13.14
C LEU A 41 16.17 0.20 -12.62
N LEU A 42 15.02 -0.43 -12.43
CA LEU A 42 14.94 -1.75 -11.84
C LEU A 42 15.10 -2.86 -12.86
N GLY A 43 15.29 -2.54 -14.14
CA GLY A 43 15.47 -3.58 -15.12
C GLY A 43 14.22 -4.37 -15.41
N ILE A 44 13.06 -3.73 -15.29
CA ILE A 44 11.77 -4.33 -15.63
C ILE A 44 11.02 -3.40 -16.58
N PRO A 45 11.53 -3.21 -17.79
CA PRO A 45 10.99 -2.14 -18.65
C PRO A 45 9.56 -2.34 -19.12
N ASP A 46 9.00 -3.55 -19.02
CA ASP A 46 7.61 -3.76 -19.41
C ASP A 46 6.60 -3.45 -18.30
N TYR A 47 7.05 -2.93 -17.16
CA TYR A 47 6.19 -2.79 -15.99
C TYR A 47 4.91 -2.02 -16.30
N PHE A 48 5.02 -0.84 -16.91
CA PHE A 48 3.85 -0.03 -17.19
C PHE A 48 2.98 -0.59 -18.31
N ASP A 49 3.50 -1.53 -19.11
CA ASP A 49 2.63 -2.24 -20.06
C ASP A 49 1.67 -3.18 -19.33
N ILE A 50 2.05 -3.64 -18.16
CA ILE A 50 1.27 -4.61 -17.40
C ILE A 50 0.43 -3.93 -16.32
N VAL A 51 0.99 -2.95 -15.62
CA VAL A 51 0.36 -2.31 -14.48
C VAL A 51 -0.14 -0.94 -14.94
N LYS A 52 -1.46 -0.75 -14.89
CA LYS A 52 -2.08 0.47 -15.40
C LYS A 52 -2.07 1.61 -14.41
N ASN A 53 -2.20 1.34 -13.11
N ASN A 53 -2.17 1.33 -13.12
CA ASN A 53 -2.32 2.38 -12.10
CA ASN A 53 -2.32 2.37 -12.10
C ASN A 53 -1.36 2.08 -10.96
C ASN A 53 -1.37 2.09 -10.96
N PRO A 54 -0.10 2.49 -11.09
CA PRO A 54 0.88 2.21 -10.03
C PRO A 54 0.51 2.87 -8.70
N MET A 55 0.97 2.24 -7.62
CA MET A 55 0.75 2.80 -6.29
C MET A 55 1.87 2.28 -5.40
N ASP A 56 2.26 3.09 -4.41
CA ASP A 56 3.36 2.72 -3.51
C ASP A 56 3.17 3.45 -2.19
N LEU A 57 3.98 3.06 -1.21
CA LEU A 57 3.83 3.61 0.15
C LEU A 57 4.06 5.13 0.18
N SER A 58 5.03 5.64 -0.58
CA SER A 58 5.31 7.08 -0.51
C SER A 58 4.11 7.89 -1.00
N THR A 59 3.42 7.39 -2.01
CA THR A 59 2.24 8.10 -2.52
C THR A 59 1.11 8.08 -1.51
N ILE A 60 0.87 6.90 -0.92
CA ILE A 60 -0.16 6.79 0.11
C ILE A 60 0.16 7.70 1.29
N LYS A 61 1.43 7.70 1.71
CA LYS A 61 1.81 8.52 2.86
C LYS A 61 1.58 10.00 2.57
N ARG A 62 1.95 10.45 1.37
CA ARG A 62 1.75 11.85 1.02
C ARG A 62 0.26 12.20 1.04
N LYS A 63 -0.58 11.31 0.50
CA LYS A 63 -2.01 11.58 0.49
C LYS A 63 -2.57 11.64 1.91
N LEU A 64 -2.08 10.76 2.78
CA LEU A 64 -2.55 10.75 4.16
C LEU A 64 -2.02 11.93 4.95
N ASP A 65 -0.83 12.44 4.61
CA ASP A 65 -0.30 13.62 5.28
C ASP A 65 -1.03 14.89 4.88
N THR A 66 -1.50 14.98 3.63
CA THR A 66 -1.91 16.25 3.04
C THR A 66 -3.41 16.35 2.81
N GLY A 67 -4.21 15.47 3.42
CA GLY A 67 -5.64 15.63 3.38
C GLY A 67 -6.30 15.22 2.09
N GLN A 68 -5.67 14.36 1.29
CA GLN A 68 -6.23 13.98 0.01
C GLN A 68 -7.27 12.88 0.11
N TYR A 69 -7.38 12.21 1.25
CA TYR A 69 -8.45 11.24 1.48
C TYR A 69 -9.58 11.90 2.25
N GLN A 70 -10.81 11.59 1.87
CA GLN A 70 -11.99 12.05 2.59
C GLN A 70 -12.60 10.96 3.47
N GLU A 71 -12.49 9.70 3.05
CA GLU A 71 -13.11 8.59 3.76
C GLU A 71 -12.12 7.45 3.85
N PRO A 72 -12.24 6.61 4.89
CA PRO A 72 -11.27 5.49 5.05
C PRO A 72 -11.17 4.58 3.84
N TRP A 73 -12.27 4.34 3.13
CA TRP A 73 -12.23 3.40 2.01
C TRP A 73 -11.21 3.83 0.97
N GLN A 74 -10.97 5.13 0.81
CA GLN A 74 -10.05 5.59 -0.23
C GLN A 74 -8.60 5.21 0.08
N TYR A 75 -8.24 5.27 1.36
CA TYR A 75 -6.92 4.82 1.81
C TYR A 75 -6.78 3.32 1.63
N VAL A 76 -7.79 2.57 2.10
CA VAL A 76 -7.78 1.12 1.97
C VAL A 76 -7.67 0.72 0.49
N ASP A 77 -8.38 1.45 -0.37
CA ASP A 77 -8.38 1.17 -1.80
C ASP A 77 -6.98 1.30 -2.39
N ASP A 78 -6.24 2.36 -2.03
CA ASP A 78 -4.89 2.54 -2.53
C ASP A 78 -3.95 1.46 -2.01
N VAL A 79 -4.13 1.03 -0.76
CA VAL A 79 -3.29 -0.05 -0.23
C VAL A 79 -3.50 -1.33 -1.03
N TRP A 80 -4.77 -1.71 -1.26
CA TRP A 80 -5.01 -2.90 -2.04
C TRP A 80 -4.57 -2.76 -3.49
N LEU A 81 -4.64 -1.56 -4.06
CA LEU A 81 -4.11 -1.33 -5.40
C LEU A 81 -2.62 -1.65 -5.44
N MET A 82 -1.88 -1.13 -4.47
CA MET A 82 -0.45 -1.39 -4.37
C MET A 82 -0.15 -2.88 -4.29
N PHE A 83 -0.86 -3.60 -3.42
CA PHE A 83 -0.63 -5.04 -3.28
C PHE A 83 -1.01 -5.77 -4.56
N ASN A 84 -2.18 -5.45 -5.12
N ASN A 84 -2.18 -5.45 -5.11
CA ASN A 84 -2.64 -6.18 -6.30
CA ASN A 84 -2.65 -6.17 -6.29
C ASN A 84 -1.73 -5.95 -7.50
C ASN A 84 -1.72 -5.95 -7.48
N ASN A 85 -1.20 -4.73 -7.64
CA ASN A 85 -0.22 -4.49 -8.71
C ASN A 85 0.97 -5.43 -8.59
N ALA A 86 1.47 -5.63 -7.38
CA ALA A 86 2.64 -6.47 -7.18
C ALA A 86 2.31 -7.93 -7.42
N TRP A 87 1.14 -8.38 -6.98
CA TRP A 87 0.75 -9.77 -7.26
C TRP A 87 0.52 -9.98 -8.75
N LEU A 88 0.12 -8.93 -9.47
CA LEU A 88 -0.11 -9.02 -10.90
C LEU A 88 1.19 -9.10 -11.67
N TYR A 89 2.13 -8.21 -11.35
CA TYR A 89 3.34 -8.10 -12.15
C TYR A 89 4.35 -9.23 -11.87
N ASN A 90 4.50 -9.61 -10.61
CA ASN A 90 5.58 -10.47 -10.19
C ASN A 90 5.10 -11.92 -10.13
N ARG A 91 6.02 -12.84 -10.40
CA ARG A 91 5.66 -14.25 -10.40
C ARG A 91 5.43 -14.72 -8.97
N LYS A 92 4.59 -15.74 -8.81
CA LYS A 92 4.26 -16.23 -7.48
C LYS A 92 5.49 -16.71 -6.71
N THR A 93 6.53 -17.16 -7.42
CA THR A 93 7.75 -17.64 -6.79
C THR A 93 8.71 -16.52 -6.43
N SER A 94 8.41 -15.27 -6.79
CA SER A 94 9.37 -14.19 -6.65
C SER A 94 9.40 -13.61 -5.24
N ARG A 95 10.55 -13.01 -4.92
CA ARG A 95 10.73 -12.32 -3.64
C ARG A 95 9.73 -11.20 -3.44
N VAL A 96 9.50 -10.38 -4.47
CA VAL A 96 8.57 -9.26 -4.31
C VAL A 96 7.15 -9.76 -4.08
N TYR A 97 6.73 -10.80 -4.81
CA TYR A 97 5.39 -11.35 -4.61
C TYR A 97 5.23 -11.84 -3.16
N LYS A 98 6.21 -12.58 -2.66
CA LYS A 98 6.10 -13.11 -1.32
C LYS A 98 6.17 -12.01 -0.27
N PHE A 99 6.98 -10.98 -0.51
CA PHE A 99 6.98 -9.82 0.39
C PHE A 99 5.61 -9.15 0.39
N CYS A 100 5.02 -9.01 -0.79
CA CYS A 100 3.69 -8.43 -0.89
C CYS A 100 2.70 -9.20 -0.04
N SER A 101 2.73 -10.52 -0.11
CA SER A 101 1.80 -11.32 0.67
C SER A 101 1.99 -11.11 2.17
N LYS A 102 3.24 -10.98 2.62
CA LYS A 102 3.48 -10.69 4.02
C LYS A 102 2.94 -9.32 4.41
N LEU A 103 3.16 -8.30 3.57
CA LEU A 103 2.64 -6.99 3.89
C LEU A 103 1.13 -6.99 3.96
N ALA A 104 0.47 -7.76 3.09
CA ALA A 104 -0.98 -7.81 3.11
C ALA A 104 -1.49 -8.46 4.39
N GLU A 105 -0.78 -9.47 4.88
CA GLU A 105 -1.15 -10.08 6.16
C GLU A 105 -1.03 -9.07 7.29
N VAL A 106 0.07 -8.31 7.31
CA VAL A 106 0.24 -7.26 8.31
C VAL A 106 -0.88 -6.24 8.18
N PHE A 107 -1.17 -5.81 6.94
CA PHE A 107 -2.19 -4.79 6.76
C PHE A 107 -3.53 -5.24 7.32
N GLU A 108 -3.92 -6.47 7.01
CA GLU A 108 -5.20 -6.97 7.49
C GLU A 108 -5.27 -6.98 9.01
N GLN A 109 -4.18 -7.39 9.66
CA GLN A 109 -4.15 -7.41 11.12
C GLN A 109 -4.24 -6.02 11.72
N GLU A 110 -3.75 -5.00 11.01
CA GLU A 110 -3.73 -3.63 11.52
C GLU A 110 -5.01 -2.87 11.19
N ILE A 111 -5.55 -3.03 9.98
CA ILE A 111 -6.70 -2.26 9.54
C ILE A 111 -8.00 -2.80 10.15
N ASP A 112 -8.08 -4.12 10.35
CA ASP A 112 -9.32 -4.71 10.86
C ASP A 112 -9.72 -4.16 12.22
N PRO A 113 -8.86 -4.15 13.24
CA PRO A 113 -9.30 -3.57 14.53
C PRO A 113 -9.61 -2.10 14.46
N VAL A 114 -8.98 -1.37 13.54
CA VAL A 114 -9.31 0.04 13.37
C VAL A 114 -10.70 0.21 12.79
N MET A 115 -10.97 -0.47 11.67
CA MET A 115 -12.28 -0.32 11.02
C MET A 115 -13.39 -1.01 11.81
N GLN A 116 -13.08 -2.08 12.53
CA GLN A 116 -14.09 -2.77 13.33
C GLN A 116 -14.38 -2.06 14.65
N SER A 117 -13.67 -0.98 14.97
CA SER A 117 -13.99 -0.18 16.14
C SER A 117 -15.16 0.76 15.89
N LEU A 118 -15.62 0.88 14.64
CA LEU A 118 -16.72 1.77 14.31
C LEU A 118 -18.07 1.08 14.49
C01 7MX B . 13.20 -1.22 -5.04
C02 7MX B . 13.03 -2.58 -5.70
O03 7MX B . 11.65 -2.77 -6.07
C04 7MX B . 11.51 -3.79 -6.94
O05 7MX B . 12.46 -4.48 -7.29
C06 7MX B . 10.19 -4.07 -7.35
C07 7MX B . 9.11 -3.52 -6.67
N08 7MX B . 7.81 -3.79 -7.04
C09 7MX B . 6.70 -3.20 -6.27
C10 7MX B . 7.52 -4.60 -8.08
O11 7MX B . 6.34 -4.84 -8.35
C12 7MX B . 8.58 -5.17 -8.78
C13 7MX B . 9.90 -4.92 -8.43
CL 7MX B . 11.12 -5.69 -9.38
C01 7MX C . 4.28 6.05 7.82
C02 7MX C . 5.55 6.54 8.48
O03 7MX C . 6.57 6.59 7.50
C04 7MX C . 7.54 5.66 7.74
O05 7MX C . 7.47 4.83 8.65
C06 7MX C . 8.57 5.74 6.81
C07 7MX C . 8.40 6.68 5.80
N08 7MX C . 9.36 6.83 4.80
C09 7MX C . 9.14 7.83 3.74
C10 7MX C . 10.45 6.07 4.81
O11 7MX C . 11.31 6.20 3.93
C12 7MX C . 10.66 5.12 5.80
C13 7MX C . 9.72 4.95 6.81
CL 7MX C . 10.09 3.75 7.99
#